data_5QJ0
#
_entry.id   5QJ0
#
_cell.length_a   62.250
_cell.length_b   89.986
_cell.length_c   124.090
_cell.angle_alpha   90.000
_cell.angle_beta   90.000
_cell.angle_gamma   90.000
#
_symmetry.space_group_name_H-M   'P 21 21 21'
#
loop_
_entity.id
_entity.type
_entity.pdbx_description
1 polymer 'RNA-dependent RNA polymerase'
2 non-polymer 6-[ethyl(methylsulfonyl)amino]-2-(4-fluorophenyl)-N-methyl-5-(3-{[1-(pyrimidin-2-yl)cyclopropyl]carbamoyl}phenyl)-1-benzofuran-3-carboxamide
3 non-polymer 'THIOCYANATE ION'
4 non-polymer 'NONAETHYLENE GLYCOL'
5 non-polymer GLYCEROL
6 water water
#
_entity_poly.entity_id   1
_entity_poly.type   'polypeptide(L)'
_entity_poly.pdbx_seq_one_letter_code
;MSMSYSWTGALITPCSPEEEKLPINPLSNSSLRYHNKVYCTTSKSASQRAKKVTFDRTQVLDAHYDSVLKDIKLAASKVS
ARLLTLEEACQLTPPHSARSKYGFGAKEVRSLSGRAVNHIKSVWKDLLEDPQTPIPTTIMAKNEVFCVDPAKGGKKPARL
IVYPDLGVRVCEKMALYDITQKLPQAVMGASYGFQYSPAQRVEYLLKAWAEKKDPMGFSYDTRCFDSTVTERDIRTEESI
YQACSLPEEARTAIHSLTERLYVGGPMFNSKGQTCGYRRCRASGVLTTSMGNTITCYVKALAACKAAGIVAPTMLVCGDD
LVVISESQGTEEDERNLRAFTEAMTRYSAPPGDPPRPEYDLELITSCSSNVSVALGPRGRRRYYLTRDPTTPLARAAWET
VRHSPINSWLGNIIQYAPTIWVRMVLMTHFFSILMVQDTLDQNLNFEMYGSVYSVNPLDLPAIIERLHGLDAFSMHTYSH
HELTRVASALRKLGAPPLRVWKSRARAVRASLISRGGKAAVCGRYLFNWAVKTKLKLTPLPEARLLDLSSWFTVGAGGGD
IFHSVSRARPRSLL
;
_entity_poly.pdbx_strand_id   A
#
# COMPACT_ATOMS: atom_id res chain seq x y z
N SER A 2 -22.71 -0.15 15.99
CA SER A 2 -22.16 0.68 17.06
C SER A 2 -21.29 1.81 16.45
N MET A 3 -20.85 2.77 17.29
CA MET A 3 -19.98 3.87 16.88
C MET A 3 -18.58 3.29 16.62
N SER A 4 -17.97 3.61 15.47
CA SER A 4 -16.61 3.13 15.17
C SER A 4 -15.65 3.49 16.30
N TYR A 5 -15.80 4.71 16.87
CA TYR A 5 -14.96 5.15 18.01
C TYR A 5 -15.78 5.91 19.05
N SER A 6 -15.28 5.92 20.32
CA SER A 6 -15.71 6.81 21.41
C SER A 6 -14.43 7.54 21.76
N TRP A 7 -14.55 8.78 22.27
CA TRP A 7 -13.41 9.64 22.60
C TRP A 7 -13.56 10.22 24.01
N THR A 8 -12.49 10.25 24.80
CA THR A 8 -12.49 10.79 26.16
C THR A 8 -12.38 12.35 26.16
N GLY A 9 -11.78 12.89 25.11
CA GLY A 9 -11.50 14.31 24.95
C GLY A 9 -10.00 14.57 25.05
N ALA A 10 -9.21 13.56 25.47
CA ALA A 10 -7.75 13.74 25.54
C ALA A 10 -7.26 13.88 24.09
N LEU A 11 -6.25 14.74 23.87
CA LEU A 11 -5.78 15.05 22.53
C LEU A 11 -4.95 13.93 21.95
N ILE A 12 -4.87 13.87 20.62
CA ILE A 12 -3.97 12.95 19.93
C ILE A 12 -2.65 13.76 19.91
N THR A 13 -1.69 13.34 20.68
CA THR A 13 -0.44 14.06 20.85
C THR A 13 0.72 13.57 19.99
N PRO A 14 1.68 14.46 19.62
CA PRO A 14 2.86 14.01 18.87
C PRO A 14 3.86 13.33 19.81
N CYS A 15 4.80 12.54 19.28
CA CYS A 15 5.85 11.92 20.09
C CYS A 15 7.17 12.68 19.87
N SER A 16 7.30 13.29 18.68
CA SER A 16 8.47 14.06 18.26
C SER A 16 8.01 15.46 17.81
N PRO A 17 8.90 16.48 17.74
CA PRO A 17 8.44 17.82 17.30
C PRO A 17 7.92 17.78 15.85
N GLU A 18 6.90 18.58 15.55
CA GLU A 18 6.30 18.57 14.21
C GLU A 18 6.45 19.90 13.48
N GLU A 19 6.46 19.83 12.13
CA GLU A 19 6.54 20.97 11.23
C GLU A 19 5.42 20.91 10.18
N GLU A 20 4.58 21.93 10.15
CA GLU A 20 3.50 22.09 9.19
C GLU A 20 4.02 22.63 7.84
N LYS A 21 5.06 23.49 7.89
CA LYS A 21 5.71 24.14 6.74
C LYS A 21 7.22 23.91 6.77
N LEU A 22 7.87 24.02 5.61
CA LEU A 22 9.32 23.87 5.50
C LEU A 22 9.98 25.10 6.14
N PRO A 23 11.09 24.95 6.90
CA PRO A 23 11.74 26.16 7.45
C PRO A 23 12.44 26.91 6.32
N ILE A 24 12.42 28.26 6.37
CA ILE A 24 13.00 29.15 5.34
C ILE A 24 14.55 29.11 5.22
N ASN A 25 15.21 28.11 5.85
CA ASN A 25 16.66 27.91 5.85
C ASN A 25 17.23 27.65 4.46
N SER A 31 15.13 23.66 -2.49
CA SER A 31 15.35 24.95 -1.84
C SER A 31 14.05 25.66 -1.37
N LEU A 32 14.21 26.84 -0.73
CA LEU A 32 13.14 27.73 -0.25
C LEU A 32 12.42 28.45 -1.43
N ARG A 33 12.13 27.67 -2.46
CA ARG A 33 11.39 27.94 -3.67
C ARG A 33 10.04 27.21 -3.46
N TYR A 34 10.05 26.17 -2.61
CA TYR A 34 8.87 25.33 -2.30
C TYR A 34 8.21 25.62 -0.95
N HIS A 35 8.83 26.51 -0.13
CA HIS A 35 8.36 26.93 1.20
C HIS A 35 6.85 27.14 1.30
N ASN A 36 6.24 27.80 0.30
CA ASN A 36 4.81 28.11 0.23
C ASN A 36 4.01 27.21 -0.75
N LYS A 37 4.63 26.14 -1.27
CA LYS A 37 4.04 25.22 -2.26
C LYS A 37 3.65 23.85 -1.71
N VAL A 38 4.18 23.52 -0.54
CA VAL A 38 4.04 22.23 0.10
C VAL A 38 3.66 22.43 1.57
N TYR A 39 2.95 21.44 2.15
CA TYR A 39 2.60 21.46 3.57
C TYR A 39 2.65 20.04 4.08
N CYS A 40 2.87 19.89 5.41
CA CYS A 40 2.91 18.62 6.09
C CYS A 40 1.76 18.57 7.12
N THR A 41 1.10 17.41 7.21
CA THR A 41 0.02 17.24 8.17
C THR A 41 0.65 17.00 9.52
N THR A 42 0.00 17.45 10.60
CA THR A 42 0.54 17.22 11.94
C THR A 42 -0.62 16.87 12.88
N SER A 43 -0.30 16.57 14.15
CA SER A 43 -1.29 16.26 15.20
C SER A 43 -2.28 17.42 15.45
N LYS A 44 -1.99 18.65 14.95
CA LYS A 44 -2.89 19.81 15.07
C LYS A 44 -4.24 19.62 14.37
N SER A 45 -4.30 18.77 13.32
CA SER A 45 -5.53 18.48 12.59
C SER A 45 -6.11 17.10 12.95
N ALA A 46 -5.50 16.40 13.93
CA ALA A 46 -5.94 15.06 14.34
C ALA A 46 -7.40 14.98 14.78
N SER A 47 -7.88 16.02 15.53
CA SER A 47 -9.27 16.07 15.99
C SER A 47 -10.23 16.16 14.84
N GLN A 48 -9.87 16.87 13.76
CA GLN A 48 -10.73 16.96 12.57
C GLN A 48 -10.87 15.55 11.91
N ARG A 49 -9.77 14.80 11.85
CA ARG A 49 -9.80 13.45 11.28
C ARG A 49 -10.62 12.53 12.17
N ALA A 50 -10.39 12.60 13.52
CA ALA A 50 -11.11 11.79 14.51
C ALA A 50 -12.62 11.89 14.29
N LYS A 51 -13.14 13.13 14.10
CA LYS A 51 -14.56 13.39 13.84
C LYS A 51 -15.01 12.72 12.52
N LYS A 52 -14.20 12.84 11.45
CA LYS A 52 -14.53 12.22 10.16
C LYS A 52 -14.62 10.68 10.23
N VAL A 53 -13.74 10.02 11.03
CA VAL A 53 -13.67 8.54 11.09
C VAL A 53 -14.64 7.95 12.12
N THR A 54 -15.37 8.82 12.85
CA THR A 54 -16.34 8.40 13.90
C THR A 54 -17.76 8.51 13.40
N PHE A 55 -18.42 7.36 13.27
CA PHE A 55 -19.79 7.28 12.83
C PHE A 55 -20.36 5.94 13.24
N ASP A 56 -21.69 5.85 13.25
CA ASP A 56 -22.38 4.62 13.62
C ASP A 56 -22.39 3.65 12.46
N ARG A 57 -22.34 2.35 12.77
CA ARG A 57 -22.44 1.32 11.76
C ARG A 57 -23.68 0.50 12.00
N THR A 58 -24.38 0.18 10.93
CA THR A 58 -25.51 -0.75 10.91
C THR A 58 -25.17 -1.76 9.82
N GLN A 59 -25.35 -3.00 10.14
CA GLN A 59 -25.02 -4.06 9.22
C GLN A 59 -26.13 -5.06 9.16
N VAL A 60 -26.67 -5.28 7.95
CA VAL A 60 -27.71 -6.25 7.68
C VAL A 60 -27.19 -7.13 6.55
N LEU A 61 -26.96 -8.39 6.85
CA LEU A 61 -26.47 -9.34 5.86
C LEU A 61 -27.65 -10.13 5.31
N ASP A 62 -27.47 -10.80 4.16
CA ASP A 62 -28.52 -11.57 3.48
C ASP A 62 -27.98 -12.88 2.92
N ALA A 63 -28.81 -13.65 2.18
CA ALA A 63 -28.41 -14.95 1.60
C ALA A 63 -27.20 -14.86 0.67
N HIS A 64 -27.08 -13.74 -0.07
CA HIS A 64 -25.96 -13.50 -1.00
C HIS A 64 -24.66 -13.41 -0.23
N TYR A 65 -24.65 -12.68 0.91
CA TYR A 65 -23.48 -12.57 1.78
C TYR A 65 -23.19 -13.95 2.38
N ASP A 66 -24.23 -14.61 2.94
CA ASP A 66 -24.07 -15.94 3.55
C ASP A 66 -23.46 -16.97 2.59
N SER A 67 -23.93 -16.97 1.34
CA SER A 67 -23.45 -17.91 0.33
C SER A 67 -21.99 -17.67 -0.02
N VAL A 68 -21.61 -16.40 -0.24
CA VAL A 68 -20.21 -16.04 -0.54
C VAL A 68 -19.28 -16.43 0.64
N LEU A 69 -19.68 -16.12 1.88
CA LEU A 69 -18.90 -16.44 3.07
C LEU A 69 -18.66 -17.95 3.23
N LYS A 70 -19.69 -18.77 2.94
CA LYS A 70 -19.63 -20.23 2.97
C LYS A 70 -18.59 -20.69 1.92
N ASP A 71 -18.60 -20.09 0.70
CA ASP A 71 -17.59 -20.40 -0.32
C ASP A 71 -16.16 -20.10 0.13
N ILE A 72 -15.95 -18.92 0.78
CA ILE A 72 -14.63 -18.51 1.29
C ILE A 72 -14.11 -19.48 2.34
N LYS A 73 -14.98 -19.88 3.27
CA LYS A 73 -14.63 -20.82 4.35
C LYS A 73 -14.23 -22.18 3.83
N LEU A 74 -14.90 -22.66 2.78
CA LEU A 74 -14.55 -23.92 2.10
C LEU A 74 -13.19 -23.75 1.40
N ALA A 75 -12.98 -22.62 0.71
CA ALA A 75 -11.69 -22.34 0.06
C ALA A 75 -10.54 -22.27 1.12
N ALA A 76 -10.82 -21.67 2.30
CA ALA A 76 -9.81 -21.55 3.38
C ALA A 76 -9.47 -22.90 3.98
N SER A 77 -10.43 -23.84 4.00
CA SER A 77 -10.20 -25.19 4.54
C SER A 77 -9.04 -25.94 3.88
N LYS A 78 -8.68 -25.56 2.62
CA LYS A 78 -7.58 -26.18 1.87
C LYS A 78 -6.22 -25.68 2.31
N VAL A 79 -6.16 -24.58 3.03
CA VAL A 79 -4.86 -23.99 3.43
C VAL A 79 -4.31 -24.68 4.66
N SER A 80 -2.99 -24.89 4.67
CA SER A 80 -2.24 -25.34 5.84
C SER A 80 -1.23 -24.27 6.17
N ALA A 81 -1.24 -23.79 7.41
CA ALA A 81 -0.24 -22.78 7.79
C ALA A 81 0.41 -23.14 9.12
N ARG A 82 1.61 -22.64 9.33
CA ARG A 82 2.38 -22.93 10.52
C ARG A 82 2.68 -21.65 11.30
N LEU A 83 3.11 -21.81 12.56
CA LEU A 83 3.60 -20.72 13.38
C LEU A 83 4.97 -20.37 12.82
N LEU A 84 5.35 -19.10 12.94
CA LEU A 84 6.69 -18.70 12.59
C LEU A 84 7.47 -18.85 13.88
N THR A 85 8.79 -19.11 13.81
CA THR A 85 9.61 -19.15 15.02
C THR A 85 9.78 -17.68 15.45
N LEU A 86 10.15 -17.44 16.72
CA LEU A 86 10.40 -16.09 17.26
C LEU A 86 11.45 -15.39 16.41
N GLU A 87 12.48 -16.14 15.97
CA GLU A 87 13.56 -15.63 15.14
C GLU A 87 13.08 -15.13 13.77
N GLU A 88 12.18 -15.90 13.12
CA GLU A 88 11.62 -15.53 11.81
C GLU A 88 10.82 -14.24 11.92
N ALA A 89 10.01 -14.10 12.99
CA ALA A 89 9.16 -12.93 13.26
C ALA A 89 10.02 -11.70 13.58
N CYS A 90 11.13 -11.92 14.28
CA CYS A 90 12.07 -10.85 14.60
C CYS A 90 12.74 -10.30 13.34
N GLN A 91 13.11 -11.18 12.39
CA GLN A 91 13.75 -10.75 11.14
C GLN A 91 12.79 -10.05 10.17
N LEU A 92 11.47 -10.26 10.34
CA LEU A 92 10.46 -9.57 9.51
C LEU A 92 10.15 -8.19 10.06
N THR A 93 10.73 -7.83 11.20
CA THR A 93 10.48 -6.54 11.84
C THR A 93 11.40 -5.52 11.24
N PRO A 94 10.86 -4.38 10.74
CA PRO A 94 11.72 -3.32 10.17
C PRO A 94 12.70 -2.72 11.19
N PRO A 95 13.92 -2.27 10.79
CA PRO A 95 14.90 -1.76 11.77
C PRO A 95 14.48 -0.51 12.55
N HIS A 96 13.54 0.30 12.04
CA HIS A 96 13.11 1.51 12.74
C HIS A 96 11.61 1.48 13.16
N SER A 97 11.06 0.26 13.29
CA SER A 97 9.70 0.01 13.77
C SER A 97 9.60 0.62 15.18
N ALA A 98 8.49 1.35 15.47
CA ALA A 98 8.27 2.02 16.77
C ALA A 98 8.74 1.14 17.95
N ARG A 99 9.62 1.68 18.78
CA ARG A 99 10.18 0.93 19.92
C ARG A 99 9.11 0.47 20.93
N SER A 100 9.42 -0.58 21.69
CA SER A 100 8.51 -1.05 22.73
C SER A 100 8.55 -0.09 23.94
N LYS A 101 7.48 -0.12 24.76
CA LYS A 101 7.39 0.67 26.00
C LYS A 101 8.23 -0.04 27.10
N TYR A 102 8.59 -1.31 26.85
CA TYR A 102 9.30 -2.19 27.77
C TYR A 102 10.86 -2.22 27.67
N GLY A 103 11.48 -1.08 27.35
CA GLY A 103 12.93 -0.92 27.34
C GLY A 103 13.76 -1.56 26.22
N PHE A 104 13.17 -1.69 25.02
CA PHE A 104 13.86 -2.24 23.85
C PHE A 104 13.17 -1.74 22.57
N GLY A 105 13.90 -1.73 21.46
CA GLY A 105 13.39 -1.30 20.16
C GLY A 105 13.61 -2.35 19.10
N ALA A 106 13.38 -1.99 17.84
CA ALA A 106 13.53 -2.92 16.70
C ALA A 106 14.96 -3.47 16.51
N LYS A 107 15.98 -2.66 16.83
CA LYS A 107 17.39 -3.06 16.79
C LYS A 107 17.60 -4.30 17.68
N GLU A 108 17.11 -4.27 18.95
CA GLU A 108 17.23 -5.40 19.90
C GLU A 108 16.40 -6.62 19.46
N VAL A 109 15.24 -6.38 18.79
CA VAL A 109 14.38 -7.43 18.24
C VAL A 109 15.16 -8.16 17.13
N ARG A 110 15.66 -7.39 16.17
CA ARG A 110 16.40 -7.94 15.02
C ARG A 110 17.67 -8.67 15.45
N SER A 111 18.39 -8.15 16.48
CA SER A 111 19.61 -8.78 17.01
C SER A 111 19.34 -9.89 18.04
N LEU A 112 18.05 -10.18 18.33
CA LEU A 112 17.62 -11.22 19.28
C LEU A 112 18.28 -11.07 20.66
N SER A 113 18.33 -9.84 21.18
CA SER A 113 18.90 -9.57 22.50
C SER A 113 18.03 -10.24 23.56
N GLY A 114 18.63 -10.53 24.71
CA GLY A 114 17.97 -11.21 25.83
C GLY A 114 16.69 -10.55 26.30
N ARG A 115 16.72 -9.22 26.54
CA ARG A 115 15.58 -8.44 27.03
C ARG A 115 14.38 -8.53 26.07
N ALA A 116 14.60 -8.30 24.74
CA ALA A 116 13.57 -8.37 23.70
C ALA A 116 12.97 -9.77 23.61
N VAL A 117 13.81 -10.80 23.46
CA VAL A 117 13.38 -12.20 23.33
C VAL A 117 12.52 -12.66 24.52
N ASN A 118 13.03 -12.42 25.76
CA ASN A 118 12.33 -12.81 26.99
C ASN A 118 11.00 -12.08 27.12
N HIS A 119 10.97 -10.77 26.75
CA HIS A 119 9.71 -10.03 26.78
C HIS A 119 8.71 -10.62 25.79
N ILE A 120 9.13 -10.90 24.54
CA ILE A 120 8.28 -11.46 23.47
C ILE A 120 7.73 -12.82 23.87
N LYS A 121 8.55 -13.66 24.54
CA LYS A 121 8.13 -14.97 25.03
C LYS A 121 7.05 -14.85 26.08
N SER A 122 7.13 -13.87 26.96
CA SER A 122 6.08 -13.71 27.98
C SER A 122 4.81 -13.10 27.38
N VAL A 123 4.93 -12.25 26.32
CA VAL A 123 3.76 -11.72 25.58
C VAL A 123 3.03 -12.90 24.93
N TRP A 124 3.78 -13.79 24.26
CA TRP A 124 3.21 -14.99 23.63
C TRP A 124 2.49 -15.88 24.64
N LYS A 125 3.15 -16.17 25.77
CA LYS A 125 2.58 -17.00 26.84
C LYS A 125 1.28 -16.36 27.33
N ASP A 126 1.30 -15.05 27.54
CA ASP A 126 0.13 -14.30 27.96
C ASP A 126 -1.04 -14.41 26.94
N LEU A 127 -0.74 -14.42 25.63
CA LEU A 127 -1.76 -14.62 24.58
C LEU A 127 -2.37 -15.99 24.73
N LEU A 128 -1.57 -17.01 25.08
CA LEU A 128 -2.07 -18.38 25.22
C LEU A 128 -2.90 -18.56 26.47
N GLU A 129 -2.57 -17.81 27.53
CA GLU A 129 -3.23 -17.97 28.83
C GLU A 129 -4.44 -17.07 29.07
N ASP A 130 -4.51 -15.91 28.40
CA ASP A 130 -5.57 -14.93 28.60
C ASP A 130 -6.24 -14.58 27.25
N PRO A 131 -7.53 -14.93 27.05
CA PRO A 131 -8.19 -14.67 25.77
C PRO A 131 -9.04 -13.39 25.75
N GLN A 132 -9.05 -12.59 26.85
CA GLN A 132 -9.98 -11.46 27.00
C GLN A 132 -9.43 -10.09 27.34
N THR A 133 -8.47 -9.96 28.27
CA THR A 133 -8.02 -8.63 28.70
C THR A 133 -7.66 -7.74 27.48
N PRO A 134 -8.32 -6.58 27.31
CA PRO A 134 -7.98 -5.71 26.18
C PRO A 134 -6.49 -5.36 26.13
N ILE A 135 -5.94 -5.41 24.93
CA ILE A 135 -4.54 -5.07 24.72
C ILE A 135 -4.51 -3.56 24.39
N PRO A 136 -3.78 -2.72 25.16
CA PRO A 136 -3.77 -1.29 24.84
C PRO A 136 -3.15 -0.98 23.48
N THR A 137 -3.58 0.11 22.88
CA THR A 137 -3.02 0.56 21.62
C THR A 137 -2.64 2.01 21.75
N THR A 138 -1.77 2.47 20.86
CA THR A 138 -1.40 3.87 20.78
C THR A 138 -2.05 4.41 19.51
N ILE A 139 -2.61 5.60 19.61
CA ILE A 139 -3.15 6.35 18.48
C ILE A 139 -2.18 7.51 18.18
N MET A 140 -1.78 7.68 16.90
CA MET A 140 -0.85 8.73 16.48
C MET A 140 -1.37 9.39 15.21
N ALA A 141 -1.03 10.69 15.02
CA ALA A 141 -1.36 11.40 13.78
C ALA A 141 -0.15 11.31 12.86
N LYS A 142 -0.38 10.94 11.60
CA LYS A 142 0.69 10.83 10.61
C LYS A 142 1.13 12.19 10.10
N ASN A 143 2.43 12.33 9.81
CA ASN A 143 3.03 13.54 9.28
C ASN A 143 3.35 13.24 7.84
N GLU A 144 2.45 13.65 6.95
CA GLU A 144 2.56 13.38 5.50
C GLU A 144 2.44 14.67 4.72
N VAL A 145 3.18 14.75 3.61
CA VAL A 145 3.31 15.94 2.77
C VAL A 145 2.40 15.91 1.54
N PHE A 146 1.78 17.07 1.25
CA PHE A 146 0.89 17.32 0.13
C PHE A 146 1.20 18.69 -0.47
N CYS A 147 0.73 18.94 -1.69
CA CYS A 147 0.91 20.20 -2.41
C CYS A 147 -0.22 21.16 -2.00
N VAL A 148 0.12 22.46 -1.85
CA VAL A 148 -0.89 23.48 -1.54
C VAL A 148 -1.83 23.64 -2.75
N ASP A 149 -3.15 23.51 -2.52
CA ASP A 149 -4.17 23.66 -3.57
C ASP A 149 -5.32 24.55 -3.11
N GLY A 153 -10.19 21.19 -2.17
CA GLY A 153 -9.98 22.47 -1.52
C GLY A 153 -9.77 22.39 -0.02
N GLY A 154 -8.81 23.18 0.48
CA GLY A 154 -8.45 23.23 1.90
C GLY A 154 -7.48 22.13 2.30
N LYS A 155 -6.58 22.43 3.26
CA LYS A 155 -5.57 21.51 3.77
C LYS A 155 -6.16 20.19 4.29
N LYS A 156 -5.57 19.07 3.84
CA LYS A 156 -5.97 17.73 4.25
C LYS A 156 -5.63 17.48 5.75
N PRO A 157 -6.58 16.99 6.57
CA PRO A 157 -6.19 16.68 7.97
C PRO A 157 -5.32 15.43 8.01
N ALA A 158 -4.47 15.32 9.05
CA ALA A 158 -3.57 14.17 9.25
C ALA A 158 -4.34 12.84 9.26
N ARG A 159 -3.70 11.77 8.78
CA ARG A 159 -4.32 10.45 8.87
C ARG A 159 -3.95 9.91 10.25
N LEU A 160 -4.77 9.03 10.78
CA LEU A 160 -4.52 8.46 12.09
C LEU A 160 -4.13 6.99 11.98
N ILE A 161 -3.20 6.56 12.85
CA ILE A 161 -2.74 5.16 12.93
CA ILE A 161 -2.75 5.17 12.93
C ILE A 161 -3.00 4.70 14.35
N VAL A 162 -3.38 3.44 14.51
CA VAL A 162 -3.68 2.80 15.78
C VAL A 162 -2.90 1.48 15.82
N TYR A 163 -1.97 1.34 16.78
CA TYR A 163 -1.15 0.15 16.82
C TYR A 163 -0.84 -0.38 18.21
N PRO A 164 -0.63 -1.71 18.35
CA PRO A 164 -0.21 -2.24 19.66
C PRO A 164 1.32 -2.15 19.80
N ASP A 165 1.84 -2.54 20.98
CA ASP A 165 3.28 -2.48 21.30
C ASP A 165 4.09 -3.44 20.45
N LEU A 166 5.36 -3.13 20.24
CA LEU A 166 6.27 -3.94 19.44
C LEU A 166 6.29 -5.40 19.85
N GLY A 167 6.26 -5.71 21.14
CA GLY A 167 6.23 -7.09 21.60
C GLY A 167 5.02 -7.84 21.08
N VAL A 168 3.87 -7.16 21.08
CA VAL A 168 2.63 -7.73 20.54
C VAL A 168 2.77 -7.90 19.02
N ARG A 169 3.33 -6.88 18.32
CA ARG A 169 3.49 -6.97 16.86
C ARG A 169 4.31 -8.20 16.41
N VAL A 170 5.39 -8.54 17.13
CA VAL A 170 6.23 -9.74 16.82
C VAL A 170 5.38 -11.00 17.01
N CYS A 171 4.55 -11.02 18.06
CA CYS A 171 3.66 -12.14 18.34
C CYS A 171 2.60 -12.33 17.26
N GLU A 172 2.10 -11.22 16.69
CA GLU A 172 1.12 -11.29 15.59
C GLU A 172 1.75 -12.03 14.41
N LYS A 173 3.01 -11.71 14.05
CA LYS A 173 3.75 -12.37 12.96
C LYS A 173 3.90 -13.88 13.24
N MET A 174 4.29 -14.26 14.47
CA MET A 174 4.40 -15.70 14.85
C MET A 174 3.08 -16.44 14.62
N ALA A 175 1.95 -15.83 14.99
CA ALA A 175 0.64 -16.47 14.85
C ALA A 175 0.04 -16.45 13.43
N LEU A 176 0.19 -15.32 12.70
CA LEU A 176 -0.54 -15.07 11.47
C LEU A 176 0.26 -14.76 10.21
N TYR A 177 1.60 -14.57 10.30
CA TYR A 177 2.38 -14.25 9.09
C TYR A 177 2.20 -15.27 7.99
N ASP A 178 2.34 -16.56 8.31
CA ASP A 178 2.19 -17.61 7.30
C ASP A 178 0.78 -17.59 6.68
N ILE A 179 -0.27 -17.31 7.47
CA ILE A 179 -1.64 -17.19 6.94
C ILE A 179 -1.72 -16.04 5.91
N THR A 180 -1.12 -14.86 6.21
CA THR A 180 -1.12 -13.73 5.26
C THR A 180 -0.46 -14.10 3.91
N GLN A 181 0.48 -15.09 3.91
CA GLN A 181 1.21 -15.51 2.73
C GLN A 181 0.47 -16.56 1.92
N LYS A 182 -0.57 -17.16 2.48
CA LYS A 182 -1.28 -18.26 1.84
C LYS A 182 -2.75 -18.06 1.67
N LEU A 183 -3.45 -17.59 2.73
CA LEU A 183 -4.90 -17.46 2.73
C LEU A 183 -5.52 -16.53 1.65
N PRO A 184 -5.05 -15.28 1.43
CA PRO A 184 -5.74 -14.44 0.44
C PRO A 184 -5.86 -15.05 -0.99
N GLN A 185 -4.77 -15.67 -1.53
CA GLN A 185 -4.79 -16.28 -2.88
C GLN A 185 -5.69 -17.48 -2.89
N ALA A 186 -5.69 -18.26 -1.82
CA ALA A 186 -6.50 -19.46 -1.75
C ALA A 186 -8.00 -19.17 -1.78
N VAL A 187 -8.43 -18.04 -1.16
CA VAL A 187 -9.86 -17.72 -1.11
C VAL A 187 -10.32 -16.80 -2.26
N MET A 188 -9.39 -15.99 -2.81
CA MET A 188 -9.75 -15.01 -3.86
C MET A 188 -9.23 -15.34 -5.26
N GLY A 189 -8.21 -16.21 -5.37
CA GLY A 189 -7.62 -16.59 -6.67
C GLY A 189 -7.06 -15.39 -7.42
N ALA A 190 -7.48 -15.21 -8.69
CA ALA A 190 -7.00 -14.11 -9.54
C ALA A 190 -7.47 -12.72 -9.08
N SER A 191 -8.50 -12.65 -8.19
CA SER A 191 -8.99 -11.39 -7.66
C SER A 191 -8.05 -10.74 -6.66
N TYR A 192 -7.14 -11.52 -6.09
CA TYR A 192 -6.20 -11.05 -5.09
C TYR A 192 -5.19 -10.11 -5.73
N GLY A 193 -5.37 -8.82 -5.51
CA GLY A 193 -4.60 -7.79 -6.18
C GLY A 193 -3.11 -7.76 -5.90
N PHE A 194 -2.69 -8.01 -4.65
CA PHE A 194 -1.29 -7.93 -4.26
C PHE A 194 -0.35 -8.87 -4.97
N GLN A 195 -0.85 -10.02 -5.48
CA GLN A 195 0.00 -11.03 -6.13
C GLN A 195 0.71 -10.56 -7.40
N TYR A 196 0.20 -9.50 -8.07
CA TYR A 196 0.73 -9.03 -9.35
C TYR A 196 1.74 -7.94 -9.23
N SER A 197 2.77 -8.01 -10.08
CA SER A 197 3.73 -6.94 -10.27
C SER A 197 2.94 -5.90 -11.11
N PRO A 198 3.36 -4.62 -11.25
CA PRO A 198 2.61 -3.69 -12.12
C PRO A 198 2.38 -4.19 -13.54
N ALA A 199 3.41 -4.78 -14.19
CA ALA A 199 3.27 -5.35 -15.55
C ALA A 199 2.20 -6.46 -15.58
N GLN A 200 2.18 -7.33 -14.56
CA GLN A 200 1.19 -8.43 -14.51
C GLN A 200 -0.21 -7.91 -14.21
N ARG A 201 -0.33 -6.80 -13.42
CA ARG A 201 -1.64 -6.20 -13.11
C ARG A 201 -2.20 -5.62 -14.38
N VAL A 202 -1.37 -4.88 -15.14
CA VAL A 202 -1.77 -4.30 -16.42
C VAL A 202 -2.22 -5.44 -17.38
N GLU A 203 -1.44 -6.53 -17.44
CA GLU A 203 -1.76 -7.69 -18.28
C GLU A 203 -3.13 -8.30 -17.90
N TYR A 204 -3.39 -8.49 -16.59
CA TYR A 204 -4.65 -9.04 -16.05
C TYR A 204 -5.86 -8.14 -16.39
N LEU A 205 -5.70 -6.81 -16.22
CA LEU A 205 -6.75 -5.83 -16.53
C LEU A 205 -7.12 -5.82 -18.04
N LEU A 206 -6.11 -5.83 -18.93
CA LEU A 206 -6.31 -5.89 -20.38
C LEU A 206 -7.04 -7.18 -20.80
N LYS A 207 -6.61 -8.32 -20.24
CA LYS A 207 -7.19 -9.65 -20.47
C LYS A 207 -8.64 -9.71 -19.98
N ALA A 208 -8.93 -9.24 -18.74
CA ALA A 208 -10.30 -9.20 -18.17
C ALA A 208 -11.20 -8.31 -19.02
N TRP A 209 -10.68 -7.15 -19.47
CA TRP A 209 -11.40 -6.23 -20.33
C TRP A 209 -11.73 -6.87 -21.70
N ALA A 210 -10.75 -7.60 -22.28
CA ALA A 210 -10.85 -8.28 -23.58
C ALA A 210 -11.74 -9.52 -23.55
N GLU A 211 -11.87 -10.19 -22.38
CA GLU A 211 -12.69 -11.40 -22.30
C GLU A 211 -14.19 -11.06 -22.09
N LYS A 212 -14.54 -9.76 -22.17
CA LYS A 212 -15.95 -9.41 -22.06
C LYS A 212 -16.46 -9.15 -23.46
N LYS A 213 -17.66 -9.67 -23.75
CA LYS A 213 -18.33 -9.44 -25.02
C LYS A 213 -18.53 -7.93 -25.16
N ASP A 214 -19.01 -7.25 -24.10
CA ASP A 214 -19.18 -5.80 -24.09
C ASP A 214 -18.77 -5.31 -22.68
N PRO A 215 -17.52 -4.85 -22.49
CA PRO A 215 -17.05 -4.58 -21.13
C PRO A 215 -17.57 -3.31 -20.47
N MET A 216 -17.84 -3.42 -19.17
CA MET A 216 -18.20 -2.27 -18.34
C MET A 216 -17.42 -2.46 -17.05
N GLY A 217 -16.77 -1.40 -16.56
CA GLY A 217 -16.02 -1.45 -15.32
C GLY A 217 -16.28 -0.28 -14.41
N PHE A 218 -16.04 -0.48 -13.12
CA PHE A 218 -16.15 0.60 -12.15
C PHE A 218 -15.24 0.36 -10.99
N SER A 219 -14.80 1.45 -10.35
CA SER A 219 -14.10 1.34 -9.11
C SER A 219 -15.16 1.67 -8.03
N TYR A 220 -14.97 1.11 -6.84
CA TYR A 220 -15.88 1.38 -5.75
C TYR A 220 -15.04 1.88 -4.58
N ASP A 221 -15.27 3.16 -4.20
CA ASP A 221 -14.55 3.84 -3.13
CA ASP A 221 -14.53 3.78 -3.11
C ASP A 221 -15.38 3.85 -1.83
N THR A 222 -15.06 2.98 -0.86
CA THR A 222 -15.79 2.93 0.41
C THR A 222 -15.37 4.15 1.21
N ARG A 223 -16.33 4.82 1.84
CA ARG A 223 -16.01 5.95 2.71
C ARG A 223 -15.34 5.37 3.98
N CYS A 224 -14.10 5.76 4.28
CA CYS A 224 -13.31 5.36 5.46
C CYS A 224 -13.51 3.90 5.82
N PHE A 225 -13.02 3.01 4.94
CA PHE A 225 -13.19 1.56 5.05
C PHE A 225 -12.88 1.01 6.44
N ASP A 226 -11.75 1.41 7.05
CA ASP A 226 -11.37 0.91 8.39
C ASP A 226 -12.47 1.10 9.44
N SER A 227 -13.15 2.26 9.40
CA SER A 227 -14.25 2.56 10.35
C SER A 227 -15.52 1.79 10.05
N THR A 228 -15.72 1.36 8.80
CA THR A 228 -16.92 0.57 8.39
C THR A 228 -16.81 -0.89 8.83
N VAL A 229 -15.59 -1.35 9.12
CA VAL A 229 -15.33 -2.73 9.55
C VAL A 229 -15.96 -2.94 10.93
N THR A 230 -16.97 -3.84 11.03
CA THR A 230 -17.69 -4.06 12.31
C THR A 230 -17.03 -5.14 13.16
N GLU A 231 -17.48 -5.28 14.41
CA GLU A 231 -16.99 -6.31 15.32
C GLU A 231 -17.29 -7.67 14.71
N ARG A 232 -18.48 -7.79 14.07
CA ARG A 232 -18.91 -9.03 13.44
C ARG A 232 -18.02 -9.38 12.23
N ASP A 233 -17.58 -8.36 11.45
CA ASP A 233 -16.66 -8.56 10.32
C ASP A 233 -15.32 -9.16 10.78
N ILE A 234 -14.79 -8.67 11.90
CA ILE A 234 -13.50 -9.09 12.49
C ILE A 234 -13.58 -10.51 13.11
N ARG A 235 -14.69 -10.84 13.76
CA ARG A 235 -14.91 -12.18 14.29
C ARG A 235 -15.16 -13.14 13.11
N THR A 236 -15.73 -12.66 11.98
CA THR A 236 -15.87 -13.48 10.76
C THR A 236 -14.47 -13.74 10.16
N GLU A 237 -13.60 -12.72 10.18
CA GLU A 237 -12.21 -12.92 9.70
C GLU A 237 -11.53 -14.03 10.54
N GLU A 238 -11.71 -14.00 11.88
CA GLU A 238 -11.14 -15.05 12.74
C GLU A 238 -11.67 -16.44 12.31
N SER A 239 -12.98 -16.58 12.07
CA SER A 239 -13.53 -17.87 11.63
C SER A 239 -12.98 -18.32 10.26
N ILE A 240 -12.60 -17.38 9.36
CA ILE A 240 -11.96 -17.74 8.09
C ILE A 240 -10.52 -18.24 8.39
N TYR A 241 -9.80 -17.58 9.36
CA TYR A 241 -8.45 -18.00 9.76
C TYR A 241 -8.50 -19.43 10.34
N GLN A 242 -9.48 -19.70 11.23
CA GLN A 242 -9.70 -20.97 11.92
C GLN A 242 -10.13 -22.09 10.97
N ALA A 243 -10.61 -21.76 9.74
CA ALA A 243 -11.00 -22.76 8.74
C ALA A 243 -9.74 -23.42 8.15
N CYS A 244 -8.57 -22.75 8.24
CA CYS A 244 -7.28 -23.26 7.79
C CYS A 244 -6.85 -24.44 8.70
N SER A 245 -5.96 -25.34 8.19
CA SER A 245 -5.39 -26.36 9.05
C SER A 245 -4.21 -25.70 9.75
N LEU A 246 -4.34 -25.51 11.06
CA LEU A 246 -3.36 -24.81 11.88
C LEU A 246 -2.92 -25.61 13.09
N PRO A 247 -1.70 -25.37 13.64
CA PRO A 247 -1.36 -26.00 14.92
C PRO A 247 -2.23 -25.37 16.01
N GLU A 248 -2.54 -26.13 17.10
CA GLU A 248 -3.37 -25.67 18.21
C GLU A 248 -2.95 -24.35 18.83
N GLU A 249 -1.64 -24.16 18.99
CA GLU A 249 -1.03 -22.98 19.59
C GLU A 249 -1.37 -21.74 18.78
N ALA A 250 -1.37 -21.86 17.43
CA ALA A 250 -1.71 -20.74 16.53
C ALA A 250 -3.19 -20.39 16.69
N ARG A 251 -4.08 -21.39 16.76
CA ARG A 251 -5.52 -21.20 16.93
C ARG A 251 -5.83 -20.43 18.22
N THR A 252 -5.13 -20.78 19.32
CA THR A 252 -5.33 -20.14 20.63
C THR A 252 -4.90 -18.67 20.56
N ALA A 253 -3.67 -18.41 20.06
CA ALA A 253 -3.10 -17.08 19.91
C ALA A 253 -3.97 -16.19 18.99
N ILE A 254 -4.46 -16.75 17.85
CA ILE A 254 -5.34 -16.04 16.91
C ILE A 254 -6.65 -15.66 17.59
N HIS A 255 -7.24 -16.58 18.35
CA HIS A 255 -8.47 -16.24 19.05
C HIS A 255 -8.23 -15.11 20.07
N SER A 256 -7.14 -15.21 20.85
CA SER A 256 -6.79 -14.19 21.86
C SER A 256 -6.49 -12.82 21.19
N LEU A 257 -5.72 -12.80 20.07
CA LEU A 257 -5.49 -11.55 19.34
C LEU A 257 -6.78 -10.92 18.83
N THR A 258 -7.74 -11.76 18.37
CA THR A 258 -9.06 -11.28 17.90
C THR A 258 -9.84 -10.60 19.02
N GLU A 259 -10.01 -11.29 20.17
CA GLU A 259 -10.85 -10.71 21.24
C GLU A 259 -10.19 -9.57 22.02
N ARG A 260 -8.86 -9.61 22.18
CA ARG A 260 -8.14 -8.61 22.96
C ARG A 260 -7.72 -7.42 22.14
N LEU A 261 -7.62 -7.59 20.83
CA LEU A 261 -7.09 -6.50 20.03
C LEU A 261 -7.82 -6.21 18.72
N TYR A 262 -8.01 -7.20 17.85
CA TYR A 262 -8.59 -6.90 16.53
C TYR A 262 -10.05 -6.39 16.56
N VAL A 263 -10.90 -6.94 17.44
CA VAL A 263 -12.33 -6.54 17.53
C VAL A 263 -12.51 -5.14 18.11
N GLY A 264 -11.50 -4.67 18.84
CA GLY A 264 -11.53 -3.36 19.46
C GLY A 264 -10.69 -3.27 20.72
N GLY A 265 -10.71 -2.10 21.34
CA GLY A 265 -9.94 -1.88 22.56
C GLY A 265 -9.61 -0.43 22.83
N PRO A 266 -9.03 -0.18 24.04
CA PRO A 266 -8.69 1.19 24.41
C PRO A 266 -7.52 1.75 23.61
N MET A 267 -7.57 3.05 23.30
CA MET A 267 -6.52 3.73 22.60
C MET A 267 -5.99 4.76 23.54
N PHE A 268 -4.68 4.90 23.59
CA PHE A 268 -3.99 5.88 24.42
C PHE A 268 -3.14 6.79 23.54
N ASN A 269 -3.02 8.09 23.92
CA ASN A 269 -2.17 9.02 23.19
C ASN A 269 -0.69 8.76 23.58
N SER A 270 0.28 9.47 22.96
CA SER A 270 1.72 9.29 23.21
C SER A 270 2.13 9.64 24.64
N LYS A 271 1.27 10.38 25.38
CA LYS A 271 1.50 10.77 26.78
C LYS A 271 0.99 9.71 27.75
N GLY A 272 0.35 8.67 27.23
CA GLY A 272 -0.18 7.60 28.08
C GLY A 272 -1.56 7.90 28.63
N GLN A 273 -2.24 8.93 28.10
CA GLN A 273 -3.58 9.29 28.53
C GLN A 273 -4.61 8.50 27.72
N THR A 274 -5.72 8.07 28.36
CA THR A 274 -6.80 7.34 27.67
C THR A 274 -7.38 8.29 26.64
N CYS A 275 -7.29 7.90 25.37
CA CYS A 275 -7.73 8.74 24.25
C CYS A 275 -9.12 8.35 23.76
N GLY A 276 -9.36 7.05 23.71
CA GLY A 276 -10.66 6.57 23.23
C GLY A 276 -10.79 5.08 23.23
N TYR A 277 -11.86 4.61 22.58
CA TYR A 277 -12.20 3.21 22.44
C TYR A 277 -12.57 2.95 21.00
N ARG A 278 -12.02 1.88 20.42
CA ARG A 278 -12.21 1.52 19.01
C ARG A 278 -13.10 0.29 18.93
N ARG A 279 -14.06 0.30 17.98
CA ARG A 279 -14.96 -0.83 17.74
C ARG A 279 -14.87 -1.24 16.25
N CYS A 280 -13.79 -0.86 15.58
CA CYS A 280 -13.57 -1.10 14.16
C CYS A 280 -12.14 -1.62 13.90
N ARG A 281 -11.72 -1.62 12.63
CA ARG A 281 -10.39 -2.05 12.24
C ARG A 281 -9.31 -1.16 12.85
N ALA A 282 -8.28 -1.76 13.46
CA ALA A 282 -7.07 -1.06 13.93
C ALA A 282 -6.20 -0.97 12.69
N SER A 283 -5.78 0.24 12.36
CA SER A 283 -4.99 0.57 11.17
C SER A 283 -3.61 -0.03 11.18
N GLY A 284 -3.04 -0.22 12.36
CA GLY A 284 -1.66 -0.69 12.49
C GLY A 284 -1.44 -2.06 13.07
N VAL A 285 -2.28 -3.03 12.71
CA VAL A 285 -2.06 -4.40 13.17
C VAL A 285 -1.65 -5.24 11.96
N LEU A 286 -1.11 -6.44 12.19
CA LEU A 286 -0.72 -7.32 11.07
C LEU A 286 -1.86 -7.62 10.08
N THR A 287 -3.07 -7.92 10.58
CA THR A 287 -4.22 -8.35 9.77
C THR A 287 -5.01 -7.23 9.05
N THR A 288 -4.56 -5.98 9.10
CA THR A 288 -5.30 -4.87 8.46
C THR A 288 -5.44 -5.07 6.95
N SER A 289 -4.31 -5.21 6.25
CA SER A 289 -4.25 -5.38 4.80
C SER A 289 -5.01 -6.66 4.37
N MET A 290 -4.69 -7.83 4.98
CA MET A 290 -5.37 -9.11 4.72
C MET A 290 -6.88 -9.07 5.01
N GLY A 291 -7.26 -8.61 6.21
CA GLY A 291 -8.65 -8.51 6.63
C GLY A 291 -9.42 -7.55 5.74
N ASN A 292 -8.85 -6.38 5.42
CA ASN A 292 -9.53 -5.44 4.51
C ASN A 292 -9.74 -6.05 3.15
N THR A 293 -8.73 -6.74 2.61
CA THR A 293 -8.77 -7.38 1.28
C THR A 293 -9.87 -8.44 1.23
N ILE A 294 -9.85 -9.40 2.18
CA ILE A 294 -10.84 -10.49 2.24
C ILE A 294 -12.26 -9.96 2.51
N THR A 295 -12.39 -9.05 3.48
CA THR A 295 -13.68 -8.48 3.86
C THR A 295 -14.23 -7.64 2.70
N CYS A 296 -13.38 -6.81 2.06
CA CYS A 296 -13.86 -6.05 0.89
C CYS A 296 -14.35 -7.03 -0.19
N TYR A 297 -13.57 -8.09 -0.46
CA TYR A 297 -13.89 -9.13 -1.45
C TYR A 297 -15.24 -9.83 -1.14
N VAL A 298 -15.48 -10.24 0.12
CA VAL A 298 -16.73 -10.91 0.54
C VAL A 298 -17.93 -10.01 0.26
N LYS A 299 -17.87 -8.76 0.79
CA LYS A 299 -18.93 -7.78 0.62
C LYS A 299 -19.19 -7.47 -0.83
N ALA A 300 -18.12 -7.21 -1.63
CA ALA A 300 -18.27 -6.88 -3.07
C ALA A 300 -18.84 -8.01 -3.91
N LEU A 301 -18.34 -9.25 -3.73
CA LEU A 301 -18.86 -10.40 -4.47
C LEU A 301 -20.31 -10.64 -4.08
N ALA A 302 -20.67 -10.53 -2.79
CA ALA A 302 -22.06 -10.68 -2.34
C ALA A 302 -22.91 -9.57 -2.96
N ALA A 303 -22.39 -8.31 -3.00
CA ALA A 303 -23.08 -7.18 -3.61
C ALA A 303 -23.28 -7.37 -5.12
N CYS A 304 -22.30 -8.00 -5.82
CA CYS A 304 -22.38 -8.34 -7.27
C CYS A 304 -23.57 -9.27 -7.47
N LYS A 305 -23.70 -10.26 -6.60
CA LYS A 305 -24.80 -11.23 -6.67
C LYS A 305 -26.14 -10.60 -6.34
N ALA A 306 -26.19 -9.70 -5.32
CA ALA A 306 -27.40 -8.97 -4.94
C ALA A 306 -27.84 -8.00 -6.03
N ALA A 307 -26.87 -7.36 -6.72
CA ALA A 307 -27.17 -6.39 -7.78
C ALA A 307 -27.50 -6.99 -9.15
N GLY A 308 -27.16 -8.24 -9.36
CA GLY A 308 -27.31 -8.86 -10.68
C GLY A 308 -26.20 -8.43 -11.64
N ILE A 309 -24.97 -8.17 -11.12
CA ILE A 309 -23.80 -7.84 -11.95
C ILE A 309 -23.51 -9.12 -12.78
N VAL A 310 -23.39 -8.98 -14.10
CA VAL A 310 -23.27 -10.15 -14.97
C VAL A 310 -21.83 -10.49 -15.29
N ALA A 311 -21.44 -11.76 -15.01
CA ALA A 311 -20.08 -12.30 -15.23
C ALA A 311 -19.02 -11.34 -14.64
N PRO A 312 -19.07 -11.01 -13.33
CA PRO A 312 -18.07 -10.07 -12.78
C PRO A 312 -16.68 -10.68 -12.71
N THR A 313 -15.67 -9.83 -12.94
CA THR A 313 -14.26 -10.10 -12.74
C THR A 313 -13.82 -8.97 -11.79
N MET A 314 -13.33 -9.34 -10.61
CA MET A 314 -12.97 -8.37 -9.59
C MET A 314 -11.51 -8.34 -9.34
N LEU A 315 -11.03 -7.18 -8.89
CA LEU A 315 -9.65 -7.00 -8.48
C LEU A 315 -9.70 -6.20 -7.17
N VAL A 316 -9.10 -6.78 -6.12
CA VAL A 316 -9.14 -6.22 -4.76
C VAL A 316 -7.73 -6.06 -4.16
N CYS A 317 -7.40 -4.86 -3.66
CA CYS A 317 -6.18 -4.51 -2.92
C CYS A 317 -6.71 -3.75 -1.72
N GLY A 318 -6.76 -4.39 -0.57
CA GLY A 318 -7.29 -3.74 0.63
C GLY A 318 -8.71 -3.26 0.39
N ASP A 319 -8.94 -1.96 0.63
CA ASP A 319 -10.26 -1.37 0.36
C ASP A 319 -10.41 -0.90 -1.11
N ASP A 320 -9.35 -1.01 -1.94
CA ASP A 320 -9.51 -0.63 -3.35
C ASP A 320 -10.13 -1.78 -4.11
N LEU A 321 -11.20 -1.48 -4.86
CA LEU A 321 -11.99 -2.46 -5.56
C LEU A 321 -12.32 -2.04 -6.98
N VAL A 322 -12.11 -2.95 -7.94
CA VAL A 322 -12.50 -2.74 -9.33
C VAL A 322 -13.31 -3.98 -9.74
N VAL A 323 -14.43 -3.74 -10.42
CA VAL A 323 -15.33 -4.76 -10.96
C VAL A 323 -15.48 -4.51 -12.46
N ILE A 324 -15.06 -5.48 -13.27
CA ILE A 324 -15.20 -5.44 -14.72
C ILE A 324 -16.21 -6.55 -15.04
N SER A 325 -17.26 -6.21 -15.78
CA SER A 325 -18.31 -7.19 -16.09
C SER A 325 -18.94 -6.93 -17.45
N GLU A 326 -19.94 -7.76 -17.80
CA GLU A 326 -20.69 -7.66 -19.05
C GLU A 326 -21.69 -6.56 -18.95
N SER A 327 -21.51 -5.52 -19.78
CA SER A 327 -22.46 -4.44 -19.86
C SER A 327 -23.85 -4.97 -20.29
N GLN A 328 -24.91 -4.47 -19.60
CA GLN A 328 -26.32 -4.85 -19.84
C GLN A 328 -27.11 -3.74 -20.52
N GLY A 329 -26.40 -2.73 -20.97
CA GLY A 329 -26.95 -1.52 -21.58
C GLY A 329 -26.73 -0.39 -20.61
N THR A 330 -26.73 0.86 -21.05
CA THR A 330 -26.47 2.02 -20.19
C THR A 330 -27.40 2.13 -19.00
N GLU A 331 -28.73 2.07 -19.24
CA GLU A 331 -29.74 2.19 -18.18
C GLU A 331 -29.66 1.06 -17.17
N GLU A 332 -29.48 -0.17 -17.63
CA GLU A 332 -29.38 -1.35 -16.78
C GLU A 332 -28.10 -1.33 -15.95
N ASP A 333 -27.00 -0.85 -16.53
CA ASP A 333 -25.71 -0.75 -15.84
C ASP A 333 -25.82 0.26 -14.69
N GLU A 334 -26.50 1.42 -14.91
CA GLU A 334 -26.70 2.44 -13.86
C GLU A 334 -27.55 1.86 -12.73
N ARG A 335 -28.64 1.14 -13.10
CA ARG A 335 -29.56 0.50 -12.17
C ARG A 335 -28.84 -0.58 -11.35
N ASN A 336 -28.06 -1.45 -12.03
CA ASN A 336 -27.27 -2.49 -11.34
C ASN A 336 -26.20 -1.87 -10.43
N LEU A 337 -25.48 -0.77 -10.84
CA LEU A 337 -24.51 -0.13 -9.94
C LEU A 337 -25.22 0.45 -8.70
N ARG A 338 -26.42 1.06 -8.89
CA ARG A 338 -27.21 1.60 -7.75
C ARG A 338 -27.56 0.46 -6.81
N ALA A 339 -27.93 -0.69 -7.35
CA ALA A 339 -28.29 -1.85 -6.55
C ALA A 339 -27.04 -2.42 -5.86
N PHE A 340 -25.87 -2.33 -6.54
CA PHE A 340 -24.60 -2.78 -5.97
C PHE A 340 -24.25 -1.89 -4.75
N THR A 341 -24.40 -0.57 -4.88
CA THR A 341 -24.12 0.41 -3.81
C THR A 341 -25.05 0.18 -2.60
N GLU A 342 -26.35 -0.02 -2.85
CA GLU A 342 -27.32 -0.28 -1.78
C GLU A 342 -26.94 -1.53 -1.00
N ALA A 343 -26.53 -2.61 -1.71
CA ALA A 343 -26.09 -3.86 -1.02
C ALA A 343 -24.80 -3.61 -0.20
N MET A 344 -23.80 -2.96 -0.79
CA MET A 344 -22.55 -2.64 -0.07
C MET A 344 -22.87 -1.81 1.20
N THR A 345 -23.83 -0.84 1.10
CA THR A 345 -24.29 0.02 2.21
C THR A 345 -24.90 -0.83 3.35
N ARG A 346 -25.80 -1.77 3.03
CA ARG A 346 -26.38 -2.69 4.03
C ARG A 346 -25.28 -3.51 4.70
N TYR A 347 -24.26 -3.95 3.91
CA TYR A 347 -23.15 -4.75 4.45
C TYR A 347 -22.17 -3.91 5.30
N SER A 348 -22.46 -2.62 5.48
CA SER A 348 -21.65 -1.65 6.22
C SER A 348 -20.40 -1.32 5.41
N ALA A 349 -20.58 -0.84 4.16
CA ALA A 349 -19.51 -0.34 3.29
C ALA A 349 -20.07 0.72 2.32
N PRO A 350 -20.67 1.85 2.84
CA PRO A 350 -21.23 2.86 1.93
C PRO A 350 -20.14 3.60 1.16
N PRO A 351 -20.43 4.19 -0.01
CA PRO A 351 -19.34 4.79 -0.79
C PRO A 351 -19.06 6.23 -0.39
N GLY A 352 -17.86 6.70 -0.73
CA GLY A 352 -17.51 8.10 -0.57
C GLY A 352 -18.27 8.77 -1.69
N ASP A 353 -17.84 8.53 -2.92
CA ASP A 353 -18.55 9.00 -4.11
C ASP A 353 -19.23 7.80 -4.78
N PRO A 354 -20.50 7.90 -5.22
CA PRO A 354 -21.15 6.73 -5.85
C PRO A 354 -20.39 6.24 -7.09
N PRO A 355 -20.34 4.91 -7.31
CA PRO A 355 -19.61 4.40 -8.48
C PRO A 355 -20.24 4.81 -9.82
N ARG A 356 -19.41 4.90 -10.85
CA ARG A 356 -19.88 5.28 -12.17
C ARG A 356 -19.47 4.21 -13.18
N PRO A 357 -20.41 3.78 -14.07
CA PRO A 357 -20.03 2.76 -15.08
C PRO A 357 -19.09 3.38 -16.12
N GLU A 358 -17.97 2.71 -16.38
CA GLU A 358 -16.97 3.17 -17.37
C GLU A 358 -16.90 2.16 -18.51
N TYR A 359 -16.76 2.66 -19.72
CA TYR A 359 -16.71 1.84 -20.92
C TYR A 359 -15.37 1.91 -21.60
N ASP A 360 -14.38 2.43 -20.88
CA ASP A 360 -13.01 2.52 -21.36
C ASP A 360 -12.17 2.23 -20.12
N LEU A 361 -11.36 1.16 -20.16
CA LEU A 361 -10.50 0.75 -19.04
C LEU A 361 -9.64 1.92 -18.55
N GLU A 362 -9.19 2.76 -19.49
CA GLU A 362 -8.32 3.90 -19.19
C GLU A 362 -8.99 4.99 -18.34
N LEU A 363 -10.33 4.95 -18.23
CA LEU A 363 -11.06 5.96 -17.43
C LEU A 363 -11.33 5.53 -15.98
N ILE A 364 -10.88 4.33 -15.59
CA ILE A 364 -11.07 3.86 -14.22
C ILE A 364 -9.87 4.23 -13.38
N THR A 365 -10.11 4.86 -12.23
CA THR A 365 -9.03 5.19 -11.29
C THR A 365 -9.18 4.27 -10.07
N SER A 366 -8.10 3.58 -9.67
CA SER A 366 -8.10 2.69 -8.51
C SER A 366 -6.68 2.68 -7.90
N CYS A 367 -6.56 2.66 -6.57
CA CYS A 367 -5.25 2.83 -5.89
C CYS A 367 -4.55 4.11 -6.45
N SER A 368 -5.38 5.19 -6.70
CA SER A 368 -5.01 6.50 -7.23
C SER A 368 -4.38 6.41 -8.63
N SER A 369 -4.45 5.26 -9.28
CA SER A 369 -3.80 4.96 -10.55
C SER A 369 -4.75 4.71 -11.70
N ASN A 370 -4.29 5.06 -12.92
CA ASN A 370 -5.00 4.83 -14.18
C ASN A 370 -4.05 4.17 -15.18
N VAL A 371 -4.63 3.37 -16.05
CA VAL A 371 -3.93 2.71 -17.12
C VAL A 371 -3.76 3.73 -18.23
N SER A 372 -2.54 3.88 -18.75
CA SER A 372 -2.27 4.81 -19.84
C SER A 372 -1.52 4.03 -20.93
N VAL A 373 -1.39 4.62 -22.12
CA VAL A 373 -0.71 3.96 -23.24
C VAL A 373 0.44 4.81 -23.72
N ALA A 374 1.50 4.14 -24.14
CA ALA A 374 2.66 4.77 -24.76
C ALA A 374 3.15 3.77 -25.79
N LEU A 375 4.17 4.10 -26.56
CA LEU A 375 4.65 3.20 -27.58
C LEU A 375 6.04 2.64 -27.19
N GLY A 376 6.31 1.43 -27.65
CA GLY A 376 7.55 0.72 -27.37
C GLY A 376 8.58 0.80 -28.47
N PRO A 377 9.70 0.03 -28.33
CA PRO A 377 10.78 0.08 -29.33
C PRO A 377 10.38 -0.20 -30.76
N ARG A 378 9.35 -1.03 -31.01
CA ARG A 378 8.91 -1.31 -32.39
C ARG A 378 7.65 -0.51 -32.79
N GLY A 379 7.32 0.54 -32.03
CA GLY A 379 6.15 1.38 -32.28
C GLY A 379 4.86 0.69 -31.88
N ARG A 380 4.96 -0.37 -31.09
CA ARG A 380 3.79 -1.12 -30.61
C ARG A 380 3.28 -0.51 -29.30
N ARG A 381 1.98 -0.65 -29.06
CA ARG A 381 1.37 -0.08 -27.86
C ARG A 381 1.82 -0.77 -26.57
N ARG A 382 2.16 0.02 -25.57
CA ARG A 382 2.56 -0.47 -24.26
C ARG A 382 1.69 0.20 -23.20
N TYR A 383 0.99 -0.60 -22.43
CA TYR A 383 0.10 -0.14 -21.38
C TYR A 383 0.85 -0.17 -20.04
N TYR A 384 0.60 0.84 -19.18
CA TYR A 384 1.29 0.95 -17.89
C TYR A 384 0.43 1.72 -16.92
N LEU A 385 0.71 1.56 -15.62
CA LEU A 385 0.00 2.31 -14.57
C LEU A 385 0.74 3.60 -14.25
N THR A 386 -0.02 4.68 -14.14
CA THR A 386 0.47 6.01 -13.81
C THR A 386 -0.48 6.60 -12.79
N ARG A 387 -0.24 7.83 -12.39
CA ARG A 387 -1.07 8.55 -11.43
C ARG A 387 -0.72 10.01 -11.58
N ASP A 388 -1.51 10.88 -10.94
CA ASP A 388 -1.21 12.28 -10.90
C ASP A 388 0.10 12.39 -10.07
N PRO A 389 1.14 13.07 -10.58
CA PRO A 389 2.40 13.11 -9.83
C PRO A 389 2.47 14.24 -8.79
N THR A 390 1.38 15.00 -8.56
CA THR A 390 1.40 16.14 -7.61
C THR A 390 1.94 15.75 -6.22
N THR A 391 1.33 14.76 -5.56
CA THR A 391 1.79 14.33 -4.21
C THR A 391 3.20 13.72 -4.28
N PRO A 392 3.55 12.75 -5.18
CA PRO A 392 4.94 12.26 -5.21
C PRO A 392 5.95 13.39 -5.39
N LEU A 393 5.65 14.38 -6.26
CA LEU A 393 6.57 15.51 -6.48
C LEU A 393 6.60 16.45 -5.26
N ALA A 394 5.44 16.67 -4.57
CA ALA A 394 5.42 17.53 -3.38
C ALA A 394 6.31 16.92 -2.29
N ARG A 395 6.19 15.59 -2.10
CA ARG A 395 7.01 14.84 -1.13
C ARG A 395 8.51 14.88 -1.45
N ALA A 396 8.88 14.74 -2.75
CA ALA A 396 10.26 14.81 -3.25
C ALA A 396 10.81 16.21 -2.96
N ALA A 397 10.02 17.27 -3.16
CA ALA A 397 10.48 18.64 -2.84
C ALA A 397 10.77 18.80 -1.32
N TRP A 398 9.84 18.35 -0.43
CA TRP A 398 10.02 18.41 1.02
C TRP A 398 11.27 17.66 1.46
N GLU A 399 11.39 16.38 1.03
CA GLU A 399 12.50 15.50 1.33
C GLU A 399 13.86 16.00 0.79
N THR A 400 13.88 16.85 -0.26
CA THR A 400 15.16 17.39 -0.75
C THR A 400 15.57 18.57 0.11
N VAL A 401 14.60 19.48 0.43
CA VAL A 401 14.79 20.66 1.29
C VAL A 401 15.22 20.20 2.69
N ARG A 402 14.49 19.24 3.28
CA ARG A 402 14.83 18.67 4.59
C ARG A 402 15.88 17.54 4.39
N HIS A 403 15.58 16.29 4.81
CA HIS A 403 16.52 15.18 4.69
C HIS A 403 15.91 13.90 4.15
N SER A 404 16.69 13.19 3.28
CA SER A 404 16.36 11.92 2.60
C SER A 404 15.14 12.00 1.69
N ASN A 407 13.49 7.33 0.53
CA ASN A 407 12.17 7.48 1.15
C ASN A 407 11.05 7.41 0.09
N SER A 408 9.99 8.25 0.18
CA SER A 408 8.86 8.16 -0.76
C SER A 408 9.28 8.13 -2.24
N TRP A 409 10.40 8.82 -2.57
CA TRP A 409 10.92 8.89 -3.94
C TRP A 409 11.31 7.52 -4.48
N LEU A 410 11.92 6.69 -3.65
CA LEU A 410 12.34 5.35 -4.03
C LEU A 410 11.13 4.45 -4.29
N GLY A 411 10.14 4.54 -3.41
CA GLY A 411 8.88 3.80 -3.57
C GLY A 411 8.20 4.19 -4.87
N ASN A 412 8.14 5.51 -5.14
CA ASN A 412 7.56 6.05 -6.37
C ASN A 412 8.34 5.66 -7.62
N ILE A 413 9.68 5.66 -7.55
CA ILE A 413 10.49 5.21 -8.69
C ILE A 413 10.16 3.77 -9.06
N ILE A 414 10.08 2.89 -8.06
CA ILE A 414 9.80 1.47 -8.23
C ILE A 414 8.37 1.20 -8.76
N GLN A 415 7.36 1.78 -8.14
CA GLN A 415 5.97 1.57 -8.57
C GLN A 415 5.65 2.16 -9.93
N TYR A 416 6.21 3.34 -10.20
CA TYR A 416 5.90 4.12 -11.40
C TYR A 416 7.07 4.31 -12.35
N ALA A 417 8.02 3.35 -12.36
CA ALA A 417 9.21 3.37 -13.25
C ALA A 417 8.92 3.66 -14.74
N PRO A 418 7.86 3.11 -15.41
CA PRO A 418 7.64 3.48 -16.84
C PRO A 418 7.03 4.85 -17.10
N THR A 419 6.62 5.58 -16.06
CA THR A 419 5.97 6.89 -16.24
C THR A 419 6.95 7.95 -16.70
N ILE A 420 6.47 8.95 -17.45
CA ILE A 420 7.39 10.00 -17.89
C ILE A 420 7.88 10.87 -16.68
N TRP A 421 7.02 11.03 -15.66
CA TRP A 421 7.37 11.87 -14.51
C TRP A 421 8.44 11.19 -13.62
N VAL A 422 8.45 9.87 -13.54
CA VAL A 422 9.50 9.19 -12.81
C VAL A 422 10.81 9.22 -13.69
N ARG A 423 10.71 8.84 -14.95
CA ARG A 423 11.89 8.79 -15.83
C ARG A 423 12.63 10.11 -15.96
N MET A 424 11.91 11.19 -16.23
CA MET A 424 12.50 12.49 -16.47
C MET A 424 12.76 13.29 -15.20
N VAL A 425 11.86 13.22 -14.19
CA VAL A 425 12.04 14.06 -13.01
C VAL A 425 12.67 13.29 -11.84
N LEU A 426 11.92 12.32 -11.23
CA LEU A 426 12.39 11.60 -10.03
C LEU A 426 13.70 10.90 -10.18
N MET A 427 13.84 10.13 -11.25
CA MET A 427 15.09 9.40 -11.49
C MET A 427 16.28 10.36 -11.58
N THR A 428 16.12 11.43 -12.37
CA THR A 428 17.14 12.43 -12.61
C THR A 428 17.57 13.13 -11.32
N HIS A 429 16.59 13.66 -10.58
CA HIS A 429 16.84 14.43 -9.38
C HIS A 429 17.46 13.59 -8.26
N PHE A 430 16.92 12.38 -8.05
CA PHE A 430 17.41 11.56 -6.97
C PHE A 430 18.76 10.91 -7.28
N PHE A 431 19.04 10.52 -8.53
CA PHE A 431 20.40 10.00 -8.83
C PHE A 431 21.45 11.09 -8.72
N SER A 432 21.07 12.35 -9.04
CA SER A 432 21.92 13.52 -8.86
C SER A 432 22.24 13.75 -7.36
N ILE A 433 21.21 13.69 -6.48
CA ILE A 433 21.38 13.88 -5.02
C ILE A 433 22.24 12.76 -4.43
N LEU A 434 22.04 11.50 -4.88
CA LEU A 434 22.78 10.35 -4.38
C LEU A 434 24.27 10.49 -4.63
N MET A 435 24.62 10.98 -5.83
CA MET A 435 26.02 11.16 -6.23
C MET A 435 26.67 12.32 -5.49
N VAL A 436 25.93 13.45 -5.28
CA VAL A 436 26.38 14.65 -4.57
C VAL A 436 26.64 14.34 -3.08
N GLN A 437 25.88 13.38 -2.52
CA GLN A 437 26.00 12.91 -1.14
C GLN A 437 27.05 11.83 -1.03
N ASP A 438 27.42 11.22 -2.17
CA ASP A 438 28.39 10.13 -2.31
C ASP A 438 27.99 8.92 -1.44
N THR A 439 26.68 8.60 -1.47
CA THR A 439 26.03 7.50 -0.76
C THR A 439 25.17 6.71 -1.75
N LEU A 440 25.73 6.48 -2.95
CA LEU A 440 25.11 5.78 -4.08
C LEU A 440 24.99 4.25 -3.87
N ASP A 441 26.08 3.56 -3.49
CA ASP A 441 26.12 2.08 -3.30
C ASP A 441 25.67 1.62 -1.90
N GLN A 442 24.57 2.19 -1.39
CA GLN A 442 24.02 1.88 -0.07
C GLN A 442 22.56 1.40 -0.16
N ASN A 443 22.17 0.44 0.70
CA ASN A 443 20.78 -0.01 0.78
C ASN A 443 19.99 1.07 1.50
N LEU A 444 18.90 1.54 0.91
CA LEU A 444 18.04 2.54 1.51
C LEU A 444 16.72 1.91 1.93
N ASN A 445 16.25 2.26 3.12
CA ASN A 445 14.99 1.78 3.65
C ASN A 445 13.98 2.84 3.39
N PHE A 446 12.83 2.44 2.84
CA PHE A 446 11.72 3.35 2.58
C PHE A 446 10.42 2.73 3.08
N GLU A 447 9.59 3.58 3.71
CA GLU A 447 8.31 3.19 4.31
C GLU A 447 7.23 3.31 3.26
N MET A 448 6.38 2.30 3.18
CA MET A 448 5.27 2.25 2.24
C MET A 448 4.12 1.49 2.89
N TYR A 449 2.99 2.20 3.12
CA TYR A 449 1.74 1.71 3.73
C TYR A 449 1.92 0.87 5.00
N GLY A 450 2.82 1.28 5.89
CA GLY A 450 3.06 0.56 7.16
C GLY A 450 4.14 -0.49 7.10
N SER A 451 4.57 -0.87 5.90
CA SER A 451 5.66 -1.82 5.71
C SER A 451 6.92 -1.10 5.21
N VAL A 452 8.08 -1.78 5.28
CA VAL A 452 9.36 -1.15 4.91
C VAL A 452 10.10 -2.02 3.89
N TYR A 453 10.75 -1.39 2.90
CA TYR A 453 11.53 -2.07 1.87
C TYR A 453 12.97 -1.60 1.94
N SER A 454 13.90 -2.54 1.75
CA SER A 454 15.34 -2.22 1.73
C SER A 454 15.82 -2.46 0.32
N VAL A 455 16.16 -1.38 -0.37
CA VAL A 455 16.59 -1.46 -1.77
C VAL A 455 17.86 -0.63 -1.96
N ASN A 456 18.83 -1.19 -2.67
CA ASN A 456 20.04 -0.48 -3.06
C ASN A 456 19.66 0.24 -4.40
N PRO A 457 19.79 1.57 -4.54
CA PRO A 457 19.43 2.21 -5.83
C PRO A 457 20.18 1.68 -7.04
N LEU A 458 21.38 1.11 -6.82
CA LEU A 458 22.19 0.53 -7.90
C LEU A 458 21.57 -0.73 -8.44
N ASP A 459 20.56 -1.28 -7.75
CA ASP A 459 19.85 -2.47 -8.21
C ASP A 459 18.56 -2.15 -8.96
N LEU A 460 18.23 -0.85 -9.09
CA LEU A 460 17.00 -0.38 -9.73
C LEU A 460 16.80 -0.90 -11.17
N PRO A 461 17.81 -0.92 -12.06
CA PRO A 461 17.55 -1.49 -13.39
C PRO A 461 17.01 -2.92 -13.37
N ALA A 462 17.62 -3.82 -12.57
CA ALA A 462 17.14 -5.21 -12.52
C ALA A 462 15.74 -5.29 -11.86
N ILE A 463 15.48 -4.49 -10.82
CA ILE A 463 14.19 -4.50 -10.11
C ILE A 463 13.12 -4.04 -11.07
N ILE A 464 13.36 -2.89 -11.72
CA ILE A 464 12.43 -2.33 -12.71
C ILE A 464 12.12 -3.35 -13.83
N GLU A 465 13.15 -4.02 -14.41
CA GLU A 465 12.89 -4.99 -15.44
C GLU A 465 12.00 -6.13 -14.93
N ARG A 466 12.26 -6.63 -13.72
CA ARG A 466 11.47 -7.71 -13.17
C ARG A 466 9.97 -7.30 -12.97
N LEU A 467 9.72 -6.06 -12.49
CA LEU A 467 8.38 -5.55 -12.17
C LEU A 467 7.61 -5.01 -13.34
N HIS A 468 8.31 -4.40 -14.31
CA HIS A 468 7.72 -3.65 -15.44
C HIS A 468 8.11 -4.13 -16.84
N GLY A 469 9.14 -4.96 -16.94
CA GLY A 469 9.66 -5.40 -18.23
C GLY A 469 10.69 -4.43 -18.77
N LEU A 470 11.45 -4.88 -19.77
CA LEU A 470 12.48 -4.06 -20.42
C LEU A 470 11.89 -2.82 -21.10
N ASP A 471 10.59 -2.87 -21.50
CA ASP A 471 9.87 -1.72 -22.10
C ASP A 471 9.80 -0.46 -21.20
N ALA A 472 10.04 -0.59 -19.89
CA ALA A 472 10.07 0.56 -19.00
C ALA A 472 11.24 1.48 -19.29
N PHE A 473 12.30 0.98 -19.98
CA PHE A 473 13.45 1.82 -20.32
C PHE A 473 13.45 2.34 -21.77
N SER A 474 12.43 1.96 -22.56
CA SER A 474 12.35 2.31 -23.98
C SER A 474 10.96 2.81 -24.43
N MET A 475 10.12 3.26 -23.47
CA MET A 475 8.82 3.81 -23.84
C MET A 475 8.92 5.25 -24.30
N HIS A 476 8.10 5.62 -25.26
CA HIS A 476 8.09 6.99 -25.82
C HIS A 476 6.67 7.26 -26.33
N THR A 477 6.43 8.49 -26.84
CA THR A 477 5.15 8.91 -27.38
C THR A 477 4.08 8.73 -26.31
N TYR A 478 4.32 9.38 -25.18
CA TYR A 478 3.37 9.37 -24.07
C TYR A 478 2.16 10.18 -24.48
N SER A 479 1.02 9.92 -23.85
CA SER A 479 -0.26 10.55 -24.20
C SER A 479 -0.29 12.02 -23.86
N HIS A 480 -1.11 12.78 -24.62
CA HIS A 480 -1.32 14.20 -24.40
C HIS A 480 -1.89 14.46 -23.00
N HIS A 481 -2.85 13.63 -22.52
CA HIS A 481 -3.42 13.78 -21.17
C HIS A 481 -2.32 13.65 -20.12
N GLU A 482 -1.46 12.64 -20.28
CA GLU A 482 -0.34 12.41 -19.38
C GLU A 482 0.69 13.56 -19.36
N LEU A 483 1.11 14.03 -20.55
CA LEU A 483 2.04 15.15 -20.67
C LEU A 483 1.48 16.42 -20.02
N THR A 484 0.16 16.68 -20.23
CA THR A 484 -0.55 17.84 -19.66
C THR A 484 -0.60 17.71 -18.15
N ARG A 485 -0.98 16.53 -17.62
CA ARG A 485 -1.02 16.32 -16.18
C ARG A 485 0.33 16.55 -15.49
N VAL A 486 1.43 16.02 -16.07
CA VAL A 486 2.80 16.17 -15.56
C VAL A 486 3.25 17.65 -15.60
N ALA A 487 3.07 18.32 -16.75
CA ALA A 487 3.40 19.75 -16.91
C ALA A 487 2.62 20.61 -15.89
N SER A 488 1.29 20.33 -15.68
CA SER A 488 0.45 21.06 -14.70
C SER A 488 0.95 20.89 -13.26
N ALA A 489 1.35 19.64 -12.88
CA ALA A 489 1.86 19.34 -11.54
C ALA A 489 3.15 20.12 -11.28
N LEU A 490 4.10 20.12 -12.24
CA LEU A 490 5.38 20.85 -12.14
C LEU A 490 5.18 22.35 -12.02
N ARG A 491 4.20 22.90 -12.77
CA ARG A 491 3.84 24.31 -12.76
C ARG A 491 3.25 24.70 -11.38
N LYS A 492 2.29 23.90 -10.88
CA LYS A 492 1.60 24.06 -9.58
C LYS A 492 2.60 24.16 -8.42
N LEU A 493 3.64 23.30 -8.47
CA LEU A 493 4.70 23.24 -7.48
C LEU A 493 5.80 24.28 -7.69
N GLY A 494 5.78 24.98 -8.83
CA GLY A 494 6.79 25.98 -9.19
C GLY A 494 8.14 25.34 -9.42
N ALA A 495 8.13 24.10 -9.90
CA ALA A 495 9.28 23.24 -10.16
C ALA A 495 9.72 23.37 -11.63
N PRO A 496 10.99 23.01 -11.98
CA PRO A 496 11.42 23.15 -13.38
C PRO A 496 10.55 22.40 -14.38
N PRO A 497 10.22 23.01 -15.55
CA PRO A 497 9.42 22.29 -16.55
C PRO A 497 10.18 21.12 -17.17
N LEU A 498 9.45 20.19 -17.83
CA LEU A 498 10.01 18.96 -18.44
C LEU A 498 11.18 19.20 -19.37
N ARG A 499 11.15 20.30 -20.14
CA ARG A 499 12.19 20.67 -21.10
C ARG A 499 13.60 20.79 -20.47
N VAL A 500 13.65 21.14 -19.17
CA VAL A 500 14.88 21.35 -18.38
C VAL A 500 15.45 20.01 -17.82
N TRP A 501 14.59 18.98 -17.68
CA TRP A 501 14.98 17.70 -17.12
C TRP A 501 15.83 16.86 -18.07
N LYS A 502 15.65 17.02 -19.38
CA LYS A 502 16.45 16.32 -20.38
C LYS A 502 17.93 16.74 -20.25
N SER A 503 18.19 18.05 -20.14
CA SER A 503 19.56 18.56 -20.01
C SER A 503 20.20 18.12 -18.68
N ARG A 504 19.41 18.12 -17.59
CA ARG A 504 19.87 17.64 -16.29
C ARG A 504 20.16 16.15 -16.34
N ALA A 505 19.33 15.38 -17.04
CA ALA A 505 19.53 13.93 -17.12
C ALA A 505 20.77 13.53 -17.88
N ARG A 506 21.16 14.33 -18.87
CA ARG A 506 22.36 14.07 -19.65
C ARG A 506 23.60 14.16 -18.77
N ALA A 507 23.65 15.17 -17.89
CA ALA A 507 24.73 15.37 -16.92
C ALA A 507 24.74 14.22 -15.90
N VAL A 508 23.56 13.87 -15.32
CA VAL A 508 23.43 12.75 -14.36
C VAL A 508 23.88 11.46 -15.01
N ARG A 509 23.47 11.24 -16.27
CA ARG A 509 23.83 10.03 -17.00
C ARG A 509 25.36 9.99 -17.21
N ALA A 510 26.01 11.15 -17.52
CA ALA A 510 27.47 11.23 -17.75
C ALA A 510 28.21 10.87 -16.48
N SER A 511 27.80 11.47 -15.36
CA SER A 511 28.39 11.22 -14.04
C SER A 511 28.25 9.78 -13.66
N LEU A 512 27.06 9.16 -13.87
CA LEU A 512 26.84 7.74 -13.57
C LEU A 512 27.73 6.81 -14.39
N ILE A 513 27.85 7.07 -15.70
CA ILE A 513 28.67 6.26 -16.60
C ILE A 513 30.16 6.34 -16.23
N SER A 514 30.62 7.54 -15.87
CA SER A 514 32.01 7.84 -15.50
C SER A 514 32.44 7.05 -14.25
N ARG A 515 31.45 6.67 -13.39
CA ARG A 515 31.67 5.88 -12.17
CA ARG A 515 31.68 5.89 -12.17
C ARG A 515 31.87 4.39 -12.46
N GLY A 516 31.48 3.95 -13.65
CA GLY A 516 31.58 2.55 -14.05
C GLY A 516 30.67 1.60 -13.29
N GLY A 517 30.82 0.30 -13.54
CA GLY A 517 30.09 -0.77 -12.87
C GLY A 517 28.58 -0.63 -12.87
N LYS A 518 27.96 -0.91 -11.71
CA LYS A 518 26.50 -0.81 -11.54
C LYS A 518 26.00 0.60 -11.77
N ALA A 519 26.76 1.61 -11.33
CA ALA A 519 26.41 3.00 -11.54
C ALA A 519 26.28 3.27 -13.04
N ALA A 520 27.21 2.74 -13.87
CA ALA A 520 27.18 2.89 -15.34
C ALA A 520 25.96 2.19 -15.95
N VAL A 521 25.56 1.04 -15.40
CA VAL A 521 24.35 0.33 -15.85
C VAL A 521 23.08 1.20 -15.57
N CYS A 522 22.99 1.83 -14.40
CA CYS A 522 21.92 2.78 -14.06
C CYS A 522 21.89 3.92 -15.09
N GLY A 523 23.06 4.50 -15.39
CA GLY A 523 23.19 5.57 -16.37
C GLY A 523 22.68 5.17 -17.74
N ARG A 524 23.08 3.97 -18.21
CA ARG A 524 22.70 3.51 -19.55
C ARG A 524 21.23 3.13 -19.70
N TYR A 525 20.66 2.45 -18.69
CA TYR A 525 19.31 1.94 -18.75
C TYR A 525 18.26 2.96 -18.39
N LEU A 526 18.44 3.62 -17.25
CA LEU A 526 17.49 4.58 -16.71
C LEU A 526 17.44 5.87 -17.50
N PHE A 527 18.57 6.24 -18.17
CA PHE A 527 18.62 7.52 -18.86
C PHE A 527 18.89 7.43 -20.37
N ASN A 528 18.60 6.27 -21.00
CA ASN A 528 18.72 6.05 -22.45
C ASN A 528 17.81 7.03 -23.24
N TRP A 529 16.64 7.39 -22.67
CA TRP A 529 15.68 8.34 -23.25
C TRP A 529 16.27 9.75 -23.44
N ALA A 530 17.32 10.12 -22.66
CA ALA A 530 17.88 11.45 -22.66
C ALA A 530 18.94 11.72 -23.74
N VAL A 531 19.44 10.69 -24.43
CA VAL A 531 20.53 10.85 -25.41
C VAL A 531 20.11 10.73 -26.86
N LYS A 532 20.86 11.38 -27.77
CA LYS A 532 20.59 11.34 -29.21
C LYS A 532 20.80 9.92 -29.74
N THR A 533 22.01 9.35 -29.55
CA THR A 533 22.33 8.01 -30.03
C THR A 533 21.97 6.97 -28.99
N LYS A 534 20.74 6.44 -29.10
CA LYS A 534 20.20 5.43 -28.20
C LYS A 534 20.93 4.10 -28.34
N LEU A 535 21.23 3.47 -27.20
CA LEU A 535 21.82 2.14 -27.20
C LEU A 535 20.65 1.19 -27.36
N LYS A 536 20.92 -0.03 -27.80
CA LYS A 536 19.89 -1.06 -27.88
C LYS A 536 20.03 -1.78 -26.54
N LEU A 537 19.04 -1.59 -25.67
CA LEU A 537 19.05 -2.16 -24.33
C LEU A 537 18.63 -3.61 -24.37
N THR A 538 19.46 -4.47 -23.78
CA THR A 538 19.21 -5.92 -23.76
C THR A 538 18.67 -6.39 -22.39
N PRO A 539 17.99 -7.54 -22.26
CA PRO A 539 17.57 -7.98 -20.90
C PRO A 539 18.76 -8.04 -19.94
N LEU A 540 18.54 -7.64 -18.67
CA LEU A 540 19.58 -7.67 -17.64
C LEU A 540 19.62 -9.06 -17.02
N PRO A 541 20.78 -9.77 -17.08
CA PRO A 541 20.82 -11.13 -16.50
C PRO A 541 20.51 -11.16 -14.99
N GLU A 542 20.86 -10.11 -14.26
CA GLU A 542 20.57 -9.95 -12.82
C GLU A 542 19.07 -9.99 -12.52
N ALA A 543 18.22 -9.46 -13.45
CA ALA A 543 16.76 -9.45 -13.27
C ALA A 543 16.18 -10.85 -13.12
N ARG A 544 16.84 -11.84 -13.74
CA ARG A 544 16.35 -13.21 -13.74
C ARG A 544 16.51 -13.95 -12.43
N LEU A 545 17.47 -13.52 -11.60
CA LEU A 545 17.83 -14.09 -10.31
C LEU A 545 17.02 -13.53 -9.16
N LEU A 546 16.45 -12.33 -9.33
CA LEU A 546 15.75 -11.65 -8.25
C LEU A 546 14.66 -12.46 -7.57
N ASP A 547 14.65 -12.42 -6.24
CA ASP A 547 13.62 -13.07 -5.42
C ASP A 547 12.94 -11.94 -4.65
N LEU A 548 11.74 -11.55 -5.08
CA LEU A 548 10.95 -10.48 -4.48
C LEU A 548 9.61 -11.04 -4.02
N SER A 549 9.60 -12.32 -3.59
CA SER A 549 8.40 -13.07 -3.18
C SER A 549 7.49 -12.37 -2.18
N SER A 550 8.04 -11.77 -1.11
CA SER A 550 7.24 -11.11 -0.07
C SER A 550 6.53 -9.85 -0.55
N TRP A 551 7.06 -9.22 -1.63
CA TRP A 551 6.58 -7.98 -2.25
C TRP A 551 5.16 -8.17 -2.85
N PHE A 552 4.84 -9.38 -3.31
CA PHE A 552 3.59 -9.67 -3.99
C PHE A 552 2.53 -10.30 -3.06
N THR A 553 2.40 -9.73 -1.85
CA THR A 553 1.49 -10.18 -0.78
C THR A 553 0.90 -8.97 -0.07
N VAL A 554 -0.12 -9.19 0.77
CA VAL A 554 -0.75 -8.20 1.65
C VAL A 554 0.28 -7.38 2.41
N GLY A 555 1.47 -7.95 2.65
CA GLY A 555 2.63 -7.32 3.29
C GLY A 555 3.02 -6.00 2.63
N ALA A 556 2.70 -5.86 1.34
CA ALA A 556 2.86 -4.60 0.61
C ALA A 556 1.89 -3.48 1.09
N GLY A 557 0.72 -3.88 1.60
CA GLY A 557 -0.31 -2.94 2.08
C GLY A 557 -0.26 -2.60 3.56
N GLY A 558 0.67 -3.21 4.29
CA GLY A 558 0.85 -2.97 5.70
C GLY A 558 1.19 -4.20 6.52
N GLY A 559 1.22 -4.01 7.82
CA GLY A 559 1.50 -5.10 8.73
C GLY A 559 2.86 -5.07 9.37
N ASP A 560 3.58 -3.93 9.27
CA ASP A 560 4.90 -3.76 9.91
C ASP A 560 5.91 -4.86 9.42
N ILE A 561 5.97 -5.08 8.12
CA ILE A 561 6.80 -6.10 7.51
C ILE A 561 8.07 -5.48 6.88
N PHE A 562 9.20 -6.15 7.07
CA PHE A 562 10.44 -5.72 6.45
C PHE A 562 10.64 -6.56 5.18
N HIS A 563 10.69 -5.90 4.02
CA HIS A 563 10.88 -6.57 2.73
C HIS A 563 12.28 -6.23 2.25
N SER A 564 12.96 -7.20 1.67
CA SER A 564 14.31 -6.95 1.16
C SER A 564 14.43 -7.56 -0.24
N VAL A 565 15.55 -7.33 -0.90
CA VAL A 565 15.82 -7.81 -2.26
C VAL A 565 16.72 -9.05 -2.10
N SER A 566 16.19 -10.22 -2.42
CA SER A 566 16.95 -11.46 -2.35
C SER A 566 17.35 -11.93 -3.78
N ARG A 567 18.28 -12.90 -3.88
CA ARG A 567 18.71 -13.47 -5.16
C ARG A 567 18.67 -14.99 -5.10
N ALA A 568 17.76 -15.59 -5.88
CA ALA A 568 17.57 -17.02 -5.99
C ALA A 568 18.58 -17.65 -6.94
N ARG A 569 19.17 -18.78 -6.52
CA ARG A 569 20.11 -19.57 -7.32
C ARG A 569 19.33 -20.21 -8.49
N PRO A 570 19.94 -20.39 -9.70
CA PRO A 570 19.18 -21.01 -10.81
C PRO A 570 18.94 -22.51 -10.58
#